data_4F0Y
#
_entry.id   4F0Y
#
_cell.length_a   37.963
_cell.length_b   44.018
_cell.length_c   46.576
_cell.angle_alpha   83.19
_cell.angle_beta   87.44
_cell.angle_gamma   72.65
#
_symmetry.space_group_name_H-M   'P 1'
#
loop_
_entity.id
_entity.type
_entity.pdbx_description
1 polymer "Aminoglycoside N(6')-acetyltransferase type 1"
2 non-polymer 'MAGNESIUM ION'
3 non-polymer 'CHLORIDE ION'
4 non-polymer GLYCEROL
5 water water
#
_entity_poly.entity_id   1
_entity_poly.type   'polypeptide(L)'
_entity_poly.pdbx_seq_one_letter_code
;MGSSHHHHHHSSGRENLYFQGMNIKPASEASLKDWLELRNKLWSDSEASHLQEMHQLLAEKYALQLLAYSDHQAIAMLEA
SIRFEYVNGTETSPVGFLEGIYVLPAHRRSGVATMLIRQAEVWAKQFSCTEFASDAALDNVISHAMHRSLGFQETEKVVY
FSKKID
;
_entity_poly.pdbx_strand_id   A,B
#
loop_
_chem_comp.id
_chem_comp.type
_chem_comp.name
_chem_comp.formula
CL non-polymer 'CHLORIDE ION' 'Cl -1'
GOL non-polymer GLYCEROL 'C3 H8 O3'
MG non-polymer 'MAGNESIUM ION' 'Mg 2'
#
# COMPACT_ATOMS: atom_id res chain seq x y z
N MET A 22 8.44 -31.08 3.12
CA MET A 22 9.80 -31.39 3.52
C MET A 22 10.80 -30.44 2.85
N ASN A 23 10.78 -30.39 1.52
CA ASN A 23 11.72 -29.58 0.77
C ASN A 23 11.10 -28.30 0.20
N ILE A 24 11.68 -27.15 0.54
CA ILE A 24 11.24 -25.88 0.02
C ILE A 24 12.24 -25.37 -1.02
N LYS A 25 11.74 -25.10 -2.22
CA LYS A 25 12.57 -24.62 -3.32
C LYS A 25 11.97 -23.35 -3.91
N PRO A 26 12.82 -22.41 -4.33
CA PRO A 26 12.32 -21.21 -5.00
C PRO A 26 11.71 -21.61 -6.33
N ALA A 27 10.69 -20.87 -6.79
CA ALA A 27 10.10 -21.13 -8.09
C ALA A 27 11.14 -20.90 -9.18
N SER A 28 11.09 -21.72 -10.23
CA SER A 28 12.01 -21.58 -11.36
C SER A 28 11.25 -21.79 -12.65
N GLU A 29 11.90 -21.55 -13.78
CA GLU A 29 11.27 -21.72 -15.08
C GLU A 29 10.97 -23.21 -15.32
N ALA A 30 11.64 -24.07 -14.57
CA ALA A 30 11.39 -25.51 -14.64
C ALA A 30 10.23 -25.91 -13.73
N SER A 31 9.77 -24.97 -12.91
CA SER A 31 8.68 -25.26 -11.98
C SER A 31 7.46 -24.36 -12.22
N LEU A 32 7.37 -23.79 -13.41
CA LEU A 32 6.27 -22.90 -13.77
C LEU A 32 4.90 -23.56 -13.61
N LYS A 33 4.76 -24.75 -14.19
CA LYS A 33 3.48 -25.47 -14.19
C LYS A 33 2.99 -25.81 -12.79
N ASP A 34 3.92 -26.20 -11.91
CA ASP A 34 3.61 -26.46 -10.51
C ASP A 34 3.22 -25.16 -9.79
N TRP A 35 3.95 -24.10 -10.10
CA TRP A 35 3.68 -22.78 -9.56
C TRP A 35 2.34 -22.28 -10.08
N LEU A 36 2.07 -22.54 -11.36
CA LEU A 36 0.83 -22.12 -12.00
C LEU A 36 -0.41 -22.74 -11.33
N GLU A 37 -0.41 -24.06 -11.18
CA GLU A 37 -1.56 -24.77 -10.64
C GLU A 37 -1.90 -24.39 -9.19
N LEU A 38 -0.95 -23.76 -8.51
CA LEU A 38 -1.16 -23.34 -7.13
C LEU A 38 -1.51 -21.86 -7.05
N ARG A 39 -1.12 -21.12 -8.08
CA ARG A 39 -1.31 -19.67 -8.10
C ARG A 39 -2.71 -19.28 -8.58
N ASN A 40 -3.23 -20.01 -9.57
CA ASN A 40 -4.55 -19.68 -10.12
C ASN A 40 -5.68 -19.83 -9.09
N LYS A 41 -5.52 -20.79 -8.17
CA LYS A 41 -6.51 -20.99 -7.12
C LYS A 41 -6.21 -20.08 -5.91
N LEU A 42 -5.57 -18.95 -6.20
CA LEU A 42 -5.29 -17.92 -5.21
C LEU A 42 -5.60 -16.58 -5.86
N TRP A 43 -5.42 -16.54 -7.17
CA TRP A 43 -5.84 -15.40 -8.00
C TRP A 43 -6.46 -15.93 -9.28
N SER A 44 -7.78 -15.87 -9.38
CA SER A 44 -8.48 -16.34 -10.57
C SER A 44 -8.05 -15.53 -11.80
N ASP A 45 -7.37 -16.20 -12.73
CA ASP A 45 -6.94 -15.54 -13.96
C ASP A 45 -6.55 -16.56 -15.03
N SER A 46 -6.48 -16.12 -16.29
CA SER A 46 -6.10 -16.99 -17.39
C SER A 46 -4.63 -17.39 -17.29
N GLU A 47 -4.31 -18.56 -17.85
CA GLU A 47 -2.95 -19.10 -17.80
C GLU A 47 -1.94 -18.15 -18.44
N ALA A 48 -2.31 -17.56 -19.57
CA ALA A 48 -1.42 -16.67 -20.32
C ALA A 48 -0.95 -15.47 -19.49
N SER A 49 -1.88 -14.88 -18.74
CA SER A 49 -1.56 -13.69 -17.96
C SER A 49 -0.81 -14.02 -16.66
N HIS A 50 -1.08 -15.18 -16.08
CA HIS A 50 -0.34 -15.63 -14.92
C HIS A 50 1.13 -15.79 -15.28
N LEU A 51 1.38 -16.63 -16.29
CA LEU A 51 2.74 -16.92 -16.75
C LEU A 51 3.53 -15.66 -17.06
N GLN A 52 2.86 -14.63 -17.55
CA GLN A 52 3.53 -13.38 -17.87
C GLN A 52 4.01 -12.62 -16.63
N GLU A 53 3.19 -12.57 -15.59
CA GLU A 53 3.61 -11.93 -14.35
C GLU A 53 4.68 -12.80 -13.69
N MET A 54 4.56 -14.11 -13.83
CA MET A 54 5.53 -15.06 -13.30
C MET A 54 6.94 -14.81 -13.84
N HIS A 55 7.05 -14.72 -15.16
CA HIS A 55 8.35 -14.52 -15.81
C HIS A 55 9.02 -13.21 -15.39
N GLN A 56 8.22 -12.23 -15.00
CA GLN A 56 8.76 -10.95 -14.55
C GLN A 56 9.20 -10.99 -13.09
N LEU A 57 8.44 -11.70 -12.27
CA LEU A 57 8.77 -11.86 -10.86
C LEU A 57 10.12 -12.57 -10.70
N LEU A 58 10.36 -13.57 -11.53
CA LEU A 58 11.62 -14.31 -11.52
C LEU A 58 12.80 -13.38 -11.75
N ALA A 59 12.60 -12.37 -12.58
CA ALA A 59 13.65 -11.42 -12.90
C ALA A 59 13.64 -10.23 -11.95
N GLU A 60 12.67 -10.20 -11.03
CA GLU A 60 12.54 -9.10 -10.09
C GLU A 60 13.28 -9.37 -8.78
N LYS A 61 14.29 -8.56 -8.51
CA LYS A 61 15.16 -8.72 -7.34
C LYS A 61 14.39 -8.62 -6.02
N TYR A 62 13.34 -7.82 -6.00
CA TYR A 62 12.59 -7.58 -4.77
C TYR A 62 11.37 -8.48 -4.63
N ALA A 63 11.34 -9.55 -5.42
CA ALA A 63 10.21 -10.49 -5.35
C ALA A 63 10.68 -11.88 -4.94
N LEU A 64 9.85 -12.57 -4.16
CA LEU A 64 10.20 -13.90 -3.69
C LEU A 64 9.12 -14.90 -4.09
N GLN A 65 9.54 -16.05 -4.60
CA GLN A 65 8.60 -17.09 -5.03
C GLN A 65 9.07 -18.44 -4.53
N LEU A 66 8.44 -18.93 -3.47
CA LEU A 66 8.83 -20.22 -2.89
C LEU A 66 7.78 -21.32 -3.13
N LEU A 67 8.25 -22.49 -3.53
CA LEU A 67 7.38 -23.66 -3.66
C LEU A 67 7.73 -24.72 -2.62
N ALA A 68 6.71 -25.31 -2.01
CA ALA A 68 6.91 -26.35 -1.01
C ALA A 68 6.62 -27.74 -1.59
N TYR A 69 7.54 -28.67 -1.38
CA TYR A 69 7.41 -30.01 -1.95
C TYR A 69 7.34 -31.14 -0.91
N SER A 70 6.65 -32.21 -1.28
CA SER A 70 6.53 -33.42 -0.47
C SER A 70 5.89 -34.49 -1.36
N ASP A 71 6.40 -35.71 -1.29
CA ASP A 71 5.95 -36.79 -2.16
C ASP A 71 6.08 -36.42 -3.64
N HIS A 72 7.11 -35.64 -3.94
CA HIS A 72 7.40 -35.17 -5.31
C HIS A 72 6.32 -34.28 -5.92
N GLN A 73 5.43 -33.75 -5.08
CA GLN A 73 4.40 -32.82 -5.56
C GLN A 73 4.49 -31.47 -4.86
N ALA A 74 3.97 -30.44 -5.50
CA ALA A 74 3.91 -29.11 -4.90
C ALA A 74 2.63 -28.98 -4.08
N ILE A 75 2.79 -28.75 -2.78
CA ILE A 75 1.66 -28.68 -1.87
C ILE A 75 1.37 -27.26 -1.40
N ALA A 76 2.34 -26.37 -1.58
CA ALA A 76 2.18 -25.00 -1.13
C ALA A 76 3.03 -24.03 -1.93
N MET A 77 2.65 -22.75 -1.90
CA MET A 77 3.43 -21.70 -2.54
C MET A 77 3.38 -20.42 -1.72
N LEU A 78 4.39 -19.57 -1.89
CA LEU A 78 4.43 -18.27 -1.23
C LEU A 78 4.99 -17.23 -2.20
N GLU A 79 4.36 -16.07 -2.24
CA GLU A 79 4.89 -14.93 -2.96
C GLU A 79 4.97 -13.72 -2.06
N ALA A 80 6.10 -13.02 -2.11
CA ALA A 80 6.34 -11.88 -1.24
C ALA A 80 7.17 -10.84 -1.97
N SER A 81 7.19 -9.61 -1.45
CA SER A 81 7.97 -8.54 -2.05
C SER A 81 8.54 -7.59 -1.00
N ILE A 82 9.39 -6.67 -1.45
CA ILE A 82 9.94 -5.65 -0.57
C ILE A 82 9.30 -4.31 -0.91
N ARG A 83 8.68 -3.67 0.08
CA ARG A 83 8.01 -2.38 -0.14
C ARG A 83 8.79 -1.22 0.45
N PHE A 84 9.13 -0.24 -0.38
CA PHE A 84 9.82 0.96 0.07
C PHE A 84 8.83 2.10 0.27
N GLU A 85 7.72 2.03 -0.45
CA GLU A 85 6.63 2.99 -0.26
C GLU A 85 5.80 2.58 0.97
N TYR A 86 5.13 3.55 1.58
CA TYR A 86 4.42 3.32 2.84
C TYR A 86 3.34 2.22 2.78
N VAL A 87 3.34 1.36 3.79
CA VAL A 87 2.33 0.31 3.93
C VAL A 87 1.54 0.51 5.21
N ASN A 88 0.21 0.53 5.09
CA ASN A 88 -0.68 0.75 6.24
C ASN A 88 -0.38 -0.16 7.44
N GLY A 89 -0.20 0.45 8.61
CA GLY A 89 0.02 -0.30 9.83
C GLY A 89 1.49 -0.45 10.21
N THR A 90 2.38 -0.37 9.22
CA THR A 90 3.81 -0.56 9.48
C THR A 90 4.45 0.66 10.13
N GLU A 91 5.58 0.44 10.81
CA GLU A 91 6.28 1.50 11.50
C GLU A 91 7.66 1.73 10.89
N THR A 92 8.10 0.80 10.05
CA THR A 92 9.42 0.89 9.43
C THR A 92 9.36 0.83 7.91
N SER A 93 10.48 1.14 7.28
CA SER A 93 10.60 1.09 5.82
C SER A 93 12.07 0.90 5.47
N PRO A 94 12.35 -0.05 4.55
CA PRO A 94 11.36 -0.87 3.85
C PRO A 94 10.80 -2.00 4.71
N VAL A 95 9.77 -2.68 4.19
CA VAL A 95 9.19 -3.83 4.88
C VAL A 95 9.07 -5.03 3.94
N GLY A 96 9.00 -6.22 4.52
CA GLY A 96 8.65 -7.41 3.75
C GLY A 96 7.14 -7.47 3.63
N PHE A 97 6.64 -7.90 2.48
CA PHE A 97 5.19 -7.94 2.24
C PHE A 97 4.72 -9.28 1.68
N LEU A 98 3.83 -9.95 2.41
CA LEU A 98 3.24 -11.20 1.93
C LEU A 98 2.21 -10.92 0.84
N GLU A 99 2.51 -11.32 -0.39
CA GLU A 99 1.58 -11.12 -1.49
C GLU A 99 0.46 -12.15 -1.48
N GLY A 100 0.84 -13.40 -1.21
CA GLY A 100 -0.12 -14.49 -1.18
C GLY A 100 0.55 -15.76 -0.68
N ILE A 101 -0.19 -16.52 0.13
CA ILE A 101 0.28 -17.82 0.59
C ILE A 101 -0.84 -18.84 0.43
N TYR A 102 -0.53 -19.97 -0.19
CA TYR A 102 -1.53 -21.01 -0.40
C TYR A 102 -0.99 -22.39 -0.07
N VAL A 103 -1.77 -23.18 0.65
CA VAL A 103 -1.41 -24.56 0.98
C VAL A 103 -2.57 -25.47 0.59
N LEU A 104 -2.25 -26.60 -0.05
CA LEU A 104 -3.26 -27.61 -0.37
C LEU A 104 -4.00 -28.03 0.89
N PRO A 105 -5.35 -28.04 0.82
CA PRO A 105 -6.24 -28.35 1.94
C PRO A 105 -5.81 -29.56 2.75
N ALA A 106 -5.28 -30.58 2.07
CA ALA A 106 -4.85 -31.80 2.74
C ALA A 106 -3.62 -31.57 3.62
N HIS A 107 -2.83 -30.54 3.31
CA HIS A 107 -1.56 -30.30 4.00
C HIS A 107 -1.57 -29.05 4.87
N ARG A 108 -2.76 -28.63 5.30
CA ARG A 108 -2.87 -27.41 6.10
C ARG A 108 -2.71 -27.67 7.60
N ARG A 109 -2.02 -28.76 7.92
CA ARG A 109 -1.67 -29.07 9.31
C ARG A 109 -0.25 -29.59 9.36
N SER A 110 0.56 -29.18 8.37
CA SER A 110 1.92 -29.65 8.25
C SER A 110 2.91 -28.70 8.91
N GLY A 111 2.51 -27.43 9.01
CA GLY A 111 3.40 -26.41 9.50
C GLY A 111 4.17 -25.83 8.33
N VAL A 112 3.86 -26.33 7.14
CA VAL A 112 4.53 -25.89 5.92
C VAL A 112 4.38 -24.38 5.70
N ALA A 113 3.19 -23.86 5.99
CA ALA A 113 2.95 -22.42 5.89
C ALA A 113 3.91 -21.65 6.81
N THR A 114 3.99 -22.08 8.06
CA THR A 114 4.90 -21.49 9.04
C THR A 114 6.35 -21.44 8.54
N MET A 115 6.82 -22.58 8.03
CA MET A 115 8.17 -22.67 7.47
C MET A 115 8.35 -21.70 6.30
N LEU A 116 7.33 -21.62 5.45
CA LEU A 116 7.37 -20.73 4.29
C LEU A 116 7.49 -19.27 4.71
N ILE A 117 6.68 -18.87 5.69
CA ILE A 117 6.77 -17.52 6.26
C ILE A 117 8.17 -17.31 6.80
N ARG A 118 8.67 -18.29 7.53
CA ARG A 118 10.01 -18.25 8.11
C ARG A 118 11.08 -17.97 7.07
N GLN A 119 11.01 -18.68 5.94
CA GLN A 119 12.00 -18.52 4.88
C GLN A 119 11.81 -17.20 4.13
N ALA A 120 10.62 -16.63 4.21
CA ALA A 120 10.36 -15.33 3.59
C ALA A 120 10.94 -14.21 4.45
N GLU A 121 10.85 -14.37 5.77
CA GLU A 121 11.37 -13.38 6.71
C GLU A 121 12.90 -13.33 6.65
N VAL A 122 13.53 -14.48 6.49
CA VAL A 122 14.98 -14.54 6.32
C VAL A 122 15.38 -13.79 5.05
N TRP A 123 14.61 -13.99 3.99
CA TRP A 123 14.85 -13.32 2.72
C TRP A 123 14.75 -11.81 2.87
N ALA A 124 13.72 -11.36 3.57
CA ALA A 124 13.51 -9.93 3.80
C ALA A 124 14.60 -9.33 4.68
N LYS A 125 15.27 -10.16 5.47
CA LYS A 125 16.39 -9.70 6.29
C LYS A 125 17.53 -9.12 5.46
N GLN A 126 17.70 -9.62 4.23
CA GLN A 126 18.78 -9.15 3.35
C GLN A 126 18.56 -7.70 2.90
N PHE A 127 17.35 -7.19 3.12
CA PHE A 127 17.04 -5.82 2.76
C PHE A 127 16.86 -4.96 4.01
N SER A 128 17.29 -5.51 5.13
CA SER A 128 17.19 -4.86 6.44
C SER A 128 15.75 -4.53 6.83
N CYS A 129 14.82 -5.39 6.43
CA CYS A 129 13.44 -5.29 6.87
C CYS A 129 13.30 -5.91 8.25
N THR A 130 12.57 -5.23 9.13
CA THR A 130 12.32 -5.74 10.47
C THR A 130 10.85 -6.05 10.66
N GLU A 131 10.02 -5.58 9.73
CA GLU A 131 8.58 -5.83 9.76
C GLU A 131 8.13 -6.62 8.54
N PHE A 132 7.19 -7.55 8.76
CA PHE A 132 6.61 -8.31 7.67
C PHE A 132 5.10 -8.05 7.63
N ALA A 133 4.65 -7.35 6.58
CA ALA A 133 3.26 -6.91 6.49
C ALA A 133 2.47 -7.74 5.50
N SER A 134 1.15 -7.76 5.68
CA SER A 134 0.25 -8.44 4.76
C SER A 134 -1.13 -7.80 4.78
N ASP A 135 -1.90 -8.02 3.73
CA ASP A 135 -3.26 -7.50 3.65
C ASP A 135 -4.25 -8.61 3.27
N ALA A 136 -5.53 -8.37 3.53
CA ALA A 136 -6.58 -9.34 3.22
C ALA A 136 -7.93 -8.65 3.11
N ALA A 137 -8.80 -9.18 2.26
CA ALA A 137 -10.15 -8.66 2.10
C ALA A 137 -10.88 -8.64 3.44
N LEU A 138 -11.64 -7.58 3.71
CA LEU A 138 -12.38 -7.43 4.96
C LEU A 138 -13.30 -8.61 5.19
N ASP A 139 -13.85 -9.15 4.10
CA ASP A 139 -14.82 -10.25 4.18
C ASP A 139 -14.19 -11.64 4.28
N ASN A 140 -12.91 -11.75 3.94
CA ASN A 140 -12.23 -13.03 3.96
C ASN A 140 -11.80 -13.42 5.36
N VAL A 141 -12.77 -13.82 6.18
CA VAL A 141 -12.52 -14.09 7.60
C VAL A 141 -11.60 -15.29 7.87
N ILE A 142 -11.62 -16.28 6.98
CA ILE A 142 -10.77 -17.45 7.14
C ILE A 142 -9.31 -17.15 6.77
N SER A 143 -9.10 -16.04 6.08
CA SER A 143 -7.75 -15.57 5.77
C SER A 143 -7.16 -14.80 6.94
N HIS A 144 -8.04 -14.17 7.73
CA HIS A 144 -7.62 -13.47 8.94
C HIS A 144 -7.12 -14.47 9.97
N ALA A 145 -7.85 -15.59 10.12
CA ALA A 145 -7.44 -16.64 11.03
C ALA A 145 -6.12 -17.24 10.58
N MET A 146 -5.96 -17.41 9.27
CA MET A 146 -4.73 -17.95 8.72
C MET A 146 -3.55 -17.04 9.04
N HIS A 147 -3.75 -15.73 8.88
CA HIS A 147 -2.72 -14.76 9.23
C HIS A 147 -2.40 -14.82 10.72
N ARG A 148 -3.43 -14.85 11.55
CA ARG A 148 -3.25 -14.88 13.00
C ARG A 148 -2.50 -16.12 13.49
N SER A 149 -2.72 -17.25 12.84
CA SER A 149 -2.04 -18.49 13.21
C SER A 149 -0.61 -18.52 12.67
N LEU A 150 -0.25 -17.52 11.87
CA LEU A 150 1.12 -17.40 11.39
C LEU A 150 1.87 -16.34 12.18
N GLY A 151 1.23 -15.77 13.19
CA GLY A 151 1.87 -14.80 14.06
C GLY A 151 1.54 -13.36 13.71
N PHE A 152 0.91 -13.16 12.56
CA PHE A 152 0.49 -11.82 12.17
C PHE A 152 -0.55 -11.27 13.14
N GLN A 153 -0.43 -9.98 13.44
CA GLN A 153 -1.44 -9.28 14.24
C GLN A 153 -2.09 -8.20 13.39
N GLU A 154 -3.40 -8.08 13.50
CA GLU A 154 -4.14 -7.05 12.78
C GLU A 154 -3.65 -5.66 13.20
N THR A 155 -3.49 -4.78 12.22
CA THR A 155 -3.06 -3.40 12.47
C THR A 155 -4.16 -2.40 12.15
N GLU A 156 -4.52 -2.27 10.87
CA GLU A 156 -5.53 -1.29 10.45
C GLU A 156 -6.57 -1.89 9.49
N LYS A 157 -7.81 -1.44 9.62
CA LYS A 157 -8.83 -1.72 8.62
C LYS A 157 -8.99 -0.49 7.72
N VAL A 158 -8.90 -0.69 6.41
CA VAL A 158 -8.81 0.41 5.45
C VAL A 158 -9.80 0.24 4.29
N VAL A 159 -10.34 1.35 3.80
CA VAL A 159 -11.14 1.35 2.60
C VAL A 159 -10.42 2.17 1.53
N TYR A 160 -10.38 1.65 0.31
CA TYR A 160 -9.64 2.31 -0.77
C TYR A 160 -10.55 3.02 -1.76
N PHE A 161 -10.00 4.02 -2.44
CA PHE A 161 -10.75 4.77 -3.44
C PHE A 161 -9.92 4.92 -4.70
N SER A 162 -10.59 5.11 -5.84
CA SER A 162 -9.88 5.35 -7.08
C SER A 162 -10.64 6.37 -7.93
N LYS A 163 -9.90 7.07 -8.80
CA LYS A 163 -10.46 8.15 -9.59
C LYS A 163 -9.64 8.31 -10.85
N LYS A 164 -10.31 8.19 -12.01
CA LYS A 164 -9.61 8.33 -13.28
C LYS A 164 -9.19 9.78 -13.51
N ILE A 165 -7.93 9.97 -13.91
CA ILE A 165 -7.44 11.30 -14.27
C ILE A 165 -7.89 11.60 -15.70
N ASP A 166 -8.40 12.82 -15.90
CA ASP A 166 -9.21 13.18 -17.07
C ASP A 166 -10.57 12.49 -17.03
N MET B 22 -7.95 33.84 -3.05
CA MET B 22 -7.56 32.43 -2.93
C MET B 22 -6.29 32.14 -3.72
N ASN B 23 -5.31 31.54 -3.06
CA ASN B 23 -4.04 31.22 -3.71
C ASN B 23 -3.44 29.89 -3.26
N ILE B 24 -2.86 29.16 -4.20
CA ILE B 24 -2.24 27.87 -3.90
C ILE B 24 -0.73 27.89 -4.18
N LYS B 25 0.05 27.60 -3.14
CA LYS B 25 1.50 27.54 -3.25
C LYS B 25 2.00 26.15 -2.88
N PRO B 26 3.11 25.72 -3.49
CA PRO B 26 3.79 24.51 -3.02
C PRO B 26 4.47 24.81 -1.68
N ALA B 27 4.53 23.81 -0.80
CA ALA B 27 5.14 24.01 0.51
C ALA B 27 6.65 24.17 0.40
N SER B 28 7.22 24.94 1.32
CA SER B 28 8.67 25.17 1.34
C SER B 28 9.17 25.36 2.77
N GLU B 29 10.44 25.71 2.92
CA GLU B 29 11.04 25.93 4.24
C GLU B 29 10.43 27.12 4.95
N ALA B 30 10.03 28.14 4.19
CA ALA B 30 9.37 29.30 4.77
C ALA B 30 7.90 29.00 5.06
N SER B 31 7.35 28.04 4.32
CA SER B 31 5.97 27.62 4.50
C SER B 31 5.84 26.57 5.61
N LEU B 32 6.96 26.25 6.25
CA LEU B 32 7.04 25.13 7.19
C LEU B 32 6.07 25.25 8.37
N LYS B 33 6.03 26.42 8.99
CA LYS B 33 5.17 26.67 10.15
C LYS B 33 3.68 26.55 9.81
N ASP B 34 3.28 27.14 8.68
CA ASP B 34 1.90 27.08 8.21
C ASP B 34 1.51 25.63 7.95
N TRP B 35 2.36 24.94 7.20
CA TRP B 35 2.17 23.54 6.84
C TRP B 35 1.97 22.70 8.10
N LEU B 36 2.87 22.88 9.07
CA LEU B 36 2.84 22.12 10.31
C LEU B 36 1.51 22.22 11.06
N GLU B 37 1.08 23.43 11.36
CA GLU B 37 -0.13 23.64 12.15
C GLU B 37 -1.41 23.17 11.45
N LEU B 38 -1.35 23.08 10.12
CA LEU B 38 -2.42 22.48 9.35
C LEU B 38 -2.28 20.96 9.38
N ARG B 39 -1.03 20.51 9.32
CA ARG B 39 -0.72 19.08 9.37
C ARG B 39 -1.02 18.54 10.77
N ASN B 40 -0.78 19.37 11.78
CA ASN B 40 -1.06 19.03 13.18
C ASN B 40 -2.51 18.60 13.39
N LYS B 41 -3.41 19.16 12.60
CA LYS B 41 -4.83 18.89 12.73
C LYS B 41 -5.28 17.71 11.87
N LEU B 42 -4.50 17.39 10.84
CA LEU B 42 -4.84 16.29 9.94
C LEU B 42 -4.46 14.93 10.53
N TRP B 43 -3.20 14.80 10.93
CA TRP B 43 -2.71 13.56 11.52
C TRP B 43 -2.29 13.75 12.96
N SER B 44 -2.48 12.70 13.78
CA SER B 44 -2.04 12.73 15.17
C SER B 44 -0.61 12.23 15.30
N ASP B 45 0.31 13.14 15.62
CA ASP B 45 1.72 12.80 15.82
C ASP B 45 2.43 13.89 16.61
N SER B 46 3.65 13.59 17.07
CA SER B 46 4.49 14.59 17.73
C SER B 46 4.99 15.62 16.72
N GLU B 47 5.35 16.80 17.23
CA GLU B 47 5.88 17.86 16.37
C GLU B 47 7.21 17.44 15.75
N ALA B 48 8.02 16.73 16.51
CA ALA B 48 9.30 16.25 16.03
C ALA B 48 9.16 15.28 14.86
N SER B 49 8.19 14.38 14.95
CA SER B 49 7.94 13.42 13.88
C SER B 49 7.38 14.10 12.63
N HIS B 50 6.50 15.08 12.84
CA HIS B 50 5.95 15.86 11.74
C HIS B 50 7.07 16.53 10.95
N LEU B 51 7.81 17.41 11.63
CA LEU B 51 8.89 18.17 11.01
C LEU B 51 9.97 17.30 10.35
N GLN B 52 10.19 16.10 10.89
CA GLN B 52 11.13 15.18 10.27
C GLN B 52 10.55 14.62 8.98
N GLU B 53 9.28 14.21 9.03
CA GLU B 53 8.56 13.72 7.86
C GLU B 53 8.42 14.83 6.80
N MET B 54 8.15 16.05 7.26
CA MET B 54 7.93 17.19 6.37
C MET B 54 9.20 17.58 5.61
N HIS B 55 10.32 17.61 6.31
CA HIS B 55 11.60 17.97 5.71
C HIS B 55 12.00 17.04 4.57
N GLN B 56 11.79 15.74 4.75
CA GLN B 56 12.18 14.77 3.74
C GLN B 56 11.19 14.70 2.58
N LEU B 57 10.01 15.28 2.76
CA LEU B 57 9.03 15.35 1.68
C LEU B 57 9.35 16.49 0.71
N LEU B 58 9.99 17.53 1.22
CA LEU B 58 10.38 18.67 0.41
C LEU B 58 11.50 18.29 -0.57
N ALA B 59 12.26 17.25 -0.22
CA ALA B 59 13.38 16.81 -1.05
C ALA B 59 13.06 15.54 -1.84
N GLU B 60 11.78 15.18 -1.88
CA GLU B 60 11.35 14.02 -2.64
C GLU B 60 10.86 14.43 -4.02
N LYS B 61 11.19 13.62 -5.02
CA LYS B 61 10.80 13.89 -6.40
C LYS B 61 9.31 13.65 -6.58
N TYR B 62 8.82 12.55 -6.03
CA TYR B 62 7.44 12.13 -6.25
C TYR B 62 6.54 12.41 -5.04
N ALA B 63 6.68 13.60 -4.48
CA ALA B 63 5.87 14.01 -3.34
C ALA B 63 5.34 15.42 -3.57
N LEU B 64 4.03 15.60 -3.40
CA LEU B 64 3.41 16.90 -3.64
C LEU B 64 2.85 17.50 -2.35
N GLN B 65 3.31 18.70 -2.02
CA GLN B 65 2.79 19.42 -0.86
C GLN B 65 2.27 20.79 -1.26
N LEU B 66 0.96 20.95 -1.27
CA LEU B 66 0.35 22.21 -1.65
C LEU B 66 -0.32 22.91 -0.46
N LEU B 67 -0.15 24.22 -0.38
CA LEU B 67 -0.80 25.02 0.65
C LEU B 67 -1.76 26.04 0.02
N ALA B 68 -2.95 26.16 0.58
CA ALA B 68 -3.93 27.13 0.09
C ALA B 68 -3.94 28.38 0.97
N TYR B 69 -3.90 29.54 0.35
CA TYR B 69 -3.87 30.80 1.09
C TYR B 69 -5.06 31.72 0.79
N SER B 70 -5.47 32.48 1.81
CA SER B 70 -6.51 33.48 1.68
C SER B 70 -6.22 34.60 2.67
N ASP B 71 -6.12 35.83 2.17
CA ASP B 71 -5.75 36.99 2.97
C ASP B 71 -4.42 36.75 3.67
N HIS B 72 -3.50 36.10 2.96
CA HIS B 72 -2.18 35.72 3.48
C HIS B 72 -2.29 34.86 4.74
N GLN B 73 -3.12 33.81 4.66
CA GLN B 73 -3.30 32.89 5.76
C GLN B 73 -3.57 31.49 5.22
N ALA B 74 -2.76 30.53 5.65
CA ALA B 74 -2.95 29.13 5.25
C ALA B 74 -4.29 28.61 5.77
N ILE B 75 -5.12 28.12 4.86
CA ILE B 75 -6.47 27.71 5.22
C ILE B 75 -6.71 26.23 4.92
N ALA B 76 -5.84 25.64 4.11
CA ALA B 76 -5.97 24.24 3.72
C ALA B 76 -4.64 23.69 3.21
N MET B 77 -4.54 22.37 3.16
CA MET B 77 -3.35 21.72 2.64
C MET B 77 -3.68 20.38 1.99
N LEU B 78 -2.79 19.94 1.11
CA LEU B 78 -2.93 18.65 0.42
C LEU B 78 -1.56 18.02 0.28
N GLU B 79 -1.45 16.74 0.66
CA GLU B 79 -0.23 15.99 0.41
C GLU B 79 -0.54 14.78 -0.48
N ALA B 80 0.31 14.57 -1.47
CA ALA B 80 0.13 13.46 -2.40
C ALA B 80 1.47 12.87 -2.81
N SER B 81 1.43 11.78 -3.57
CA SER B 81 2.65 11.14 -4.06
C SER B 81 2.36 10.29 -5.29
N ILE B 82 3.44 9.78 -5.88
CA ILE B 82 3.36 8.83 -6.98
C ILE B 82 3.74 7.45 -6.44
N ARG B 83 2.86 6.47 -6.63
CA ARG B 83 3.11 5.12 -6.13
C ARG B 83 3.49 4.18 -7.27
N PHE B 84 4.63 3.52 -7.14
CA PHE B 84 5.09 2.58 -8.15
C PHE B 84 4.79 1.15 -7.75
N GLU B 85 4.59 0.94 -6.45
CA GLU B 85 4.20 -0.37 -5.94
C GLU B 85 2.67 -0.46 -5.94
N TYR B 86 2.14 -1.67 -6.03
CA TYR B 86 0.71 -1.88 -6.20
C TYR B 86 -0.16 -1.24 -5.11
N VAL B 87 -1.13 -0.44 -5.55
CA VAL B 87 -2.12 0.13 -4.66
C VAL B 87 -3.39 -0.69 -4.74
N ASN B 88 -3.92 -1.10 -3.58
CA ASN B 88 -5.16 -1.86 -3.53
C ASN B 88 -6.30 -1.15 -4.24
N GLY B 89 -6.91 -1.83 -5.20
CA GLY B 89 -8.07 -1.29 -5.89
C GLY B 89 -7.78 -0.67 -7.24
N THR B 90 -6.51 -0.43 -7.54
CA THR B 90 -6.13 0.22 -8.80
C THR B 90 -5.95 -0.79 -9.95
N GLU B 91 -5.88 -0.26 -11.17
CA GLU B 91 -5.75 -1.10 -12.36
C GLU B 91 -4.56 -0.67 -13.22
N THR B 92 -3.90 0.41 -12.83
CA THR B 92 -2.73 0.89 -13.53
C THR B 92 -1.59 1.10 -12.56
N SER B 93 -0.37 1.29 -13.08
CA SER B 93 0.78 1.60 -12.25
C SER B 93 1.88 2.22 -13.12
N PRO B 94 2.47 3.33 -12.66
CA PRO B 94 2.19 3.97 -11.37
C PRO B 94 0.90 4.79 -11.34
N VAL B 95 0.46 5.15 -10.14
CA VAL B 95 -0.74 5.96 -9.96
C VAL B 95 -0.49 7.14 -9.04
N GLY B 96 -1.36 8.14 -9.13
CA GLY B 96 -1.35 9.24 -8.18
C GLY B 96 -2.02 8.79 -6.89
N PHE B 97 -1.48 9.24 -5.77
CA PHE B 97 -2.04 8.86 -4.48
C PHE B 97 -2.23 10.07 -3.58
N LEU B 98 -3.44 10.21 -3.03
CA LEU B 98 -3.73 11.26 -2.06
C LEU B 98 -3.34 10.78 -0.67
N GLU B 99 -2.32 11.41 -0.08
CA GLU B 99 -1.88 11.03 1.26
C GLU B 99 -2.84 11.57 2.30
N GLY B 100 -3.33 12.78 2.04
CA GLY B 100 -4.23 13.44 2.96
C GLY B 100 -4.55 14.85 2.50
N ILE B 101 -5.70 15.35 2.94
CA ILE B 101 -6.10 16.71 2.61
C ILE B 101 -6.91 17.27 3.77
N TYR B 102 -6.54 18.45 4.23
CA TYR B 102 -7.21 19.07 5.37
C TYR B 102 -7.62 20.50 5.06
N VAL B 103 -8.81 20.87 5.51
CA VAL B 103 -9.31 22.23 5.34
C VAL B 103 -9.82 22.77 6.67
N LEU B 104 -9.39 23.98 7.03
CA LEU B 104 -9.83 24.62 8.27
C LEU B 104 -11.35 24.66 8.37
N PRO B 105 -11.89 24.27 9.54
CA PRO B 105 -13.33 24.13 9.81
C PRO B 105 -14.15 25.37 9.47
N ALA B 106 -13.50 26.52 9.32
CA ALA B 106 -14.19 27.75 8.98
C ALA B 106 -14.25 27.96 7.47
N HIS B 107 -13.13 27.70 6.79
CA HIS B 107 -13.06 27.88 5.34
C HIS B 107 -13.55 26.64 4.59
N ARG B 108 -14.17 25.71 5.32
CA ARG B 108 -14.80 24.56 4.69
C ARG B 108 -16.05 24.99 3.95
N ARG B 109 -16.56 24.12 3.08
CA ARG B 109 -17.69 24.43 2.22
C ARG B 109 -17.41 25.66 1.35
N SER B 110 -16.20 25.73 0.82
CA SER B 110 -15.79 26.85 -0.02
C SER B 110 -15.06 26.37 -1.28
N GLY B 111 -15.06 25.06 -1.48
CA GLY B 111 -14.51 24.46 -2.67
C GLY B 111 -13.02 24.60 -2.85
N VAL B 112 -12.28 24.67 -1.75
CA VAL B 112 -10.83 24.76 -1.81
C VAL B 112 -10.21 23.37 -1.93
N ALA B 113 -10.84 22.38 -1.31
CA ALA B 113 -10.39 21.00 -1.39
C ALA B 113 -10.50 20.52 -2.84
N THR B 114 -11.54 20.98 -3.52
CA THR B 114 -11.73 20.69 -4.94
C THR B 114 -10.60 21.31 -5.75
N MET B 115 -10.22 22.53 -5.40
CA MET B 115 -9.17 23.26 -6.08
C MET B 115 -7.82 22.55 -5.93
N LEU B 116 -7.50 22.16 -4.70
CA LEU B 116 -6.26 21.45 -4.41
C LEU B 116 -6.19 20.09 -5.12
N ILE B 117 -7.28 19.35 -5.10
CA ILE B 117 -7.28 17.99 -5.64
C ILE B 117 -7.08 17.95 -7.16
N ARG B 118 -7.66 18.91 -7.87
CA ARG B 118 -7.53 18.92 -9.32
C ARG B 118 -6.12 19.35 -9.75
N GLN B 119 -5.47 20.19 -8.94
CA GLN B 119 -4.09 20.57 -9.22
C GLN B 119 -3.15 19.42 -8.90
N ALA B 120 -3.58 18.54 -7.99
CA ALA B 120 -2.83 17.32 -7.69
C ALA B 120 -2.93 16.35 -8.87
N GLU B 121 -4.13 16.26 -9.45
CA GLU B 121 -4.36 15.44 -10.63
C GLU B 121 -3.48 15.90 -11.79
N VAL B 122 -3.40 17.22 -11.97
CA VAL B 122 -2.55 17.83 -12.97
C VAL B 122 -1.08 17.43 -12.75
N TRP B 123 -0.62 17.62 -11.52
CA TRP B 123 0.73 17.24 -11.14
C TRP B 123 1.02 15.77 -11.44
N ALA B 124 0.05 14.91 -11.17
CA ALA B 124 0.22 13.48 -11.42
C ALA B 124 0.08 13.15 -12.91
N LYS B 125 -0.74 13.94 -13.60
CA LYS B 125 -0.90 13.79 -15.04
C LYS B 125 0.44 14.03 -15.72
N GLN B 126 1.22 14.93 -15.16
CA GLN B 126 2.55 15.26 -15.68
C GLN B 126 3.42 14.02 -15.79
N PHE B 127 3.30 13.12 -14.82
CA PHE B 127 4.06 11.87 -14.82
C PHE B 127 3.32 10.77 -15.58
N SER B 128 2.40 11.17 -16.45
CA SER B 128 1.61 10.25 -17.26
C SER B 128 0.80 9.24 -16.45
N CYS B 129 0.29 9.68 -15.31
CA CYS B 129 -0.63 8.86 -14.52
C CYS B 129 -2.05 9.06 -15.04
N THR B 130 -2.81 7.97 -15.11
CA THR B 130 -4.18 8.04 -15.59
C THR B 130 -5.17 7.78 -14.46
N GLU B 131 -4.64 7.45 -13.29
CA GLU B 131 -5.46 7.02 -12.17
C GLU B 131 -5.00 7.64 -10.85
N PHE B 132 -5.95 8.17 -10.08
CA PHE B 132 -5.64 8.75 -8.77
C PHE B 132 -6.30 7.94 -7.66
N ALA B 133 -5.49 7.43 -6.73
CA ALA B 133 -5.99 6.57 -5.65
C ALA B 133 -5.87 7.24 -4.29
N SER B 134 -6.58 6.68 -3.31
CA SER B 134 -6.55 7.19 -1.93
C SER B 134 -7.07 6.14 -0.97
N ASP B 135 -6.84 6.35 0.32
CA ASP B 135 -7.31 5.42 1.34
C ASP B 135 -7.79 6.15 2.58
N ALA B 136 -8.71 5.52 3.29
CA ALA B 136 -9.20 6.04 4.56
C ALA B 136 -9.39 4.87 5.51
N ALA B 137 -9.34 5.13 6.81
CA ALA B 137 -9.65 4.10 7.79
C ALA B 137 -11.10 3.65 7.59
N LEU B 138 -11.40 2.43 7.99
CA LEU B 138 -12.71 1.82 7.73
C LEU B 138 -13.86 2.54 8.43
N ASP B 139 -13.55 3.27 9.49
CA ASP B 139 -14.58 3.90 10.31
C ASP B 139 -14.61 5.44 10.19
N ASN B 140 -13.84 5.98 9.26
CA ASN B 140 -13.77 7.44 9.09
C ASN B 140 -14.75 7.94 8.03
N VAL B 141 -16.04 7.82 8.34
CA VAL B 141 -17.13 8.19 7.43
C VAL B 141 -17.04 9.63 6.93
N ILE B 142 -16.44 10.51 7.72
CA ILE B 142 -16.30 11.90 7.35
C ILE B 142 -15.36 12.01 6.15
N SER B 143 -14.25 11.28 6.21
CA SER B 143 -13.30 11.22 5.11
C SER B 143 -13.89 10.47 3.91
N HIS B 144 -14.75 9.49 4.18
CA HIS B 144 -15.40 8.75 3.11
C HIS B 144 -16.26 9.70 2.29
N ALA B 145 -17.02 10.55 2.99
CA ALA B 145 -17.87 11.52 2.33
C ALA B 145 -17.03 12.52 1.53
N MET B 146 -15.91 12.94 2.12
CA MET B 146 -15.04 13.91 1.46
C MET B 146 -14.50 13.35 0.15
N HIS B 147 -14.09 12.08 0.19
CA HIS B 147 -13.60 11.40 -1.01
C HIS B 147 -14.66 11.34 -2.11
N ARG B 148 -15.90 11.05 -1.75
CA ARG B 148 -16.98 10.99 -2.72
C ARG B 148 -17.27 12.38 -3.28
N SER B 149 -17.06 13.41 -2.46
CA SER B 149 -17.31 14.78 -2.91
C SER B 149 -16.19 15.24 -3.84
N LEU B 150 -15.05 14.56 -3.76
CA LEU B 150 -13.89 14.90 -4.56
C LEU B 150 -13.82 14.10 -5.87
N GLY B 151 -14.77 13.19 -6.07
CA GLY B 151 -14.83 12.44 -7.31
C GLY B 151 -14.35 10.99 -7.24
N PHE B 152 -13.96 10.55 -6.05
CA PHE B 152 -13.51 9.18 -5.86
C PHE B 152 -14.66 8.19 -5.72
N GLN B 153 -14.46 6.97 -6.21
CA GLN B 153 -15.38 5.88 -5.94
C GLN B 153 -14.64 4.83 -5.08
N GLU B 154 -15.36 4.21 -4.16
CA GLU B 154 -14.78 3.16 -3.33
C GLU B 154 -14.45 1.93 -4.18
N THR B 155 -13.25 1.39 -3.98
CA THR B 155 -12.86 0.17 -4.69
C THR B 155 -13.00 -1.06 -3.79
N GLU B 156 -12.10 -1.18 -2.80
CA GLU B 156 -12.15 -2.33 -1.91
C GLU B 156 -11.81 -1.99 -0.46
N LYS B 157 -12.21 -2.88 0.45
CA LYS B 157 -11.89 -2.73 1.87
C LYS B 157 -10.95 -3.86 2.28
N VAL B 158 -9.88 -3.52 3.00
CA VAL B 158 -8.90 -4.51 3.41
C VAL B 158 -8.55 -4.44 4.89
N VAL B 159 -8.01 -5.55 5.40
CA VAL B 159 -7.48 -5.60 6.75
C VAL B 159 -5.97 -5.76 6.66
N TYR B 160 -5.23 -4.90 7.34
CA TYR B 160 -3.79 -5.00 7.30
C TYR B 160 -3.24 -5.78 8.49
N PHE B 161 -2.12 -6.47 8.27
CA PHE B 161 -1.47 -7.22 9.33
C PHE B 161 0.01 -6.87 9.33
N SER B 162 0.68 -7.17 10.44
CA SER B 162 2.12 -6.93 10.55
C SER B 162 2.73 -7.96 11.48
N LYS B 163 4.05 -8.15 11.37
CA LYS B 163 4.77 -9.05 12.26
C LYS B 163 6.26 -8.72 12.27
N LYS B 164 6.84 -8.70 13.47
CA LYS B 164 8.26 -8.45 13.63
C LYS B 164 9.06 -9.66 13.13
N ILE B 165 10.14 -9.39 12.42
CA ILE B 165 11.08 -10.44 12.03
C ILE B 165 11.83 -10.85 13.29
N ASP B 166 11.70 -12.12 13.67
CA ASP B 166 12.18 -12.63 14.97
C ASP B 166 11.49 -11.95 16.14
MG MG C . -3.15 -10.04 0.81
CL CL D . -5.56 -31.21 -1.26
C1 GOL E . -1.74 -9.87 -7.43
O1 GOL E . -1.44 -11.13 -7.98
C2 GOL E . -0.51 -9.30 -6.72
O2 GOL E . 0.61 -10.11 -6.97
C3 GOL E . -0.24 -7.89 -7.25
O3 GOL E . 0.96 -7.41 -6.70
MG MG F . -5.42 8.09 3.32
CL CL G . -7.59 13.06 3.90
CL CL H . -8.62 7.99 7.60
C1 GOL I . 1.02 9.78 8.31
O1 GOL I . 1.28 10.95 9.05
C2 GOL I . 1.87 9.77 7.05
O2 GOL I . 2.80 10.83 7.10
C3 GOL I . 0.99 9.93 5.81
O3 GOL I . 0.15 8.80 5.69
#